data_4QQG
#
_entry.id   4QQG
#
_cell.length_a   43.544
_cell.length_b   59.986
_cell.length_c   101.638
_cell.angle_alpha   90.000
_cell.angle_beta   100.650
_cell.angle_gamma   90.000
#
_symmetry.space_group_name_H-M   'P 1 21 1'
#
loop_
_entity.id
_entity.type
_entity.pdbx_description
1 polymer 'Histone acetyltransferase KAT5'
2 non-polymer 'UNKNOWN ATOM OR ION'
#
_entity_poly.entity_id   1
_entity_poly.type   'polypeptide(L)'
_entity_poly.pdbx_seq_one_letter_code
;GMAEVGEIIEGCRLPVLRRNQDNEDEWPLAEILSVKDISGRKLFYVHYIDFNKRLDEWVTHERLDLKKIQFPKKEAKTPT
K
;
_entity_poly.pdbx_strand_id   A,B,C,D,E,F,G
#
# COMPACT_ATOMS: atom_id res chain seq x y z
N MET A 2 -23.32 -32.75 -3.03
CA MET A 2 -22.65 -32.08 -1.85
C MET A 2 -22.29 -30.60 -2.13
N ALA A 3 -21.25 -30.12 -1.41
CA ALA A 3 -20.68 -28.77 -1.55
C ALA A 3 -20.04 -28.56 -2.89
N GLU A 4 -19.78 -27.29 -3.18
CA GLU A 4 -19.37 -26.84 -4.50
C GLU A 4 -18.07 -26.02 -4.49
N VAL A 5 -17.40 -26.03 -5.63
CA VAL A 5 -16.07 -25.37 -5.76
C VAL A 5 -16.10 -23.86 -5.41
N GLY A 6 -17.16 -23.19 -5.83
CA GLY A 6 -17.32 -21.75 -5.57
C GLY A 6 -17.49 -21.37 -4.11
N GLU A 7 -17.84 -22.35 -3.27
CA GLU A 7 -17.96 -22.14 -1.82
C GLU A 7 -16.60 -22.14 -1.11
N ILE A 8 -15.57 -22.66 -1.76
CA ILE A 8 -14.27 -22.74 -1.12
C ILE A 8 -13.70 -21.36 -0.91
N ILE A 9 -13.25 -21.11 0.31
CA ILE A 9 -12.65 -19.82 0.66
C ILE A 9 -11.41 -20.02 1.54
N GLU A 10 -10.65 -18.94 1.73
CA GLU A 10 -9.44 -18.99 2.56
C GLU A 10 -9.81 -19.45 3.94
N GLY A 11 -9.01 -20.32 4.52
CA GLY A 11 -9.29 -20.82 5.85
C GLY A 11 -10.02 -22.16 5.85
N CYS A 12 -10.63 -22.54 4.72
CA CYS A 12 -11.25 -23.84 4.61
C CYS A 12 -10.21 -24.91 4.82
N ARG A 13 -10.62 -26.02 5.39
CA ARG A 13 -9.74 -27.16 5.55
C ARG A 13 -10.40 -28.36 4.93
N LEU A 14 -9.62 -29.11 4.17
CA LEU A 14 -10.10 -30.27 3.48
C LEU A 14 -8.95 -31.11 2.93
N PRO A 15 -9.24 -32.35 2.52
CA PRO A 15 -8.21 -33.18 1.96
C PRO A 15 -7.86 -32.79 0.56
N VAL A 16 -6.56 -32.72 0.28
CA VAL A 16 -6.07 -32.36 -1.02
C VAL A 16 -5.06 -33.36 -1.53
N LEU A 17 -5.23 -33.75 -2.79
CA LEU A 17 -4.37 -34.76 -3.43
C LEU A 17 -2.93 -34.27 -3.63
N ARG A 18 -1.99 -34.94 -2.97
CA ARG A 18 -0.57 -34.72 -3.11
C ARG A 18 0.06 -36.02 -3.62
N ARG A 19 1.14 -35.93 -4.37
CA ARG A 19 1.90 -37.15 -4.70
C ARG A 19 3.12 -37.21 -3.81
N ASN A 20 3.29 -38.31 -3.11
CA ASN A 20 4.32 -38.44 -2.13
C ASN A 20 5.66 -38.83 -2.73
N GLN A 21 6.63 -39.04 -1.86
CA GLN A 21 7.99 -39.28 -2.29
C GLN A 21 8.14 -40.60 -3.07
N ASP A 22 7.19 -41.53 -2.90
CA ASP A 22 7.11 -42.80 -3.66
C ASP A 22 6.27 -42.73 -4.96
N ASN A 23 5.76 -41.54 -5.28
CA ASN A 23 4.84 -41.29 -6.44
C ASN A 23 3.38 -41.76 -6.28
N GLU A 24 3.00 -42.01 -5.04
CA GLU A 24 1.70 -42.51 -4.70
C GLU A 24 0.76 -41.39 -4.34
N ASP A 25 -0.54 -41.62 -4.54
CA ASP A 25 -1.53 -40.62 -4.22
C ASP A 25 -1.81 -40.69 -2.71
N GLU A 26 -1.74 -39.54 -2.05
CA GLU A 26 -2.19 -39.36 -0.66
C GLU A 26 -3.14 -38.13 -0.60
N TRP A 27 -4.07 -38.11 0.34
CA TRP A 27 -4.99 -36.98 0.47
C TRP A 27 -4.92 -36.37 1.86
N PRO A 28 -3.77 -35.80 2.21
CA PRO A 28 -3.65 -35.21 3.53
C PRO A 28 -4.50 -34.00 3.67
N LEU A 29 -4.89 -33.69 4.89
CA LEU A 29 -5.65 -32.51 5.15
C LEU A 29 -4.83 -31.28 4.88
N ALA A 30 -5.46 -30.27 4.29
CA ALA A 30 -4.77 -29.03 3.94
C ALA A 30 -5.66 -27.86 4.19
N GLU A 31 -5.05 -26.70 4.38
CA GLU A 31 -5.76 -25.45 4.57
C GLU A 31 -5.65 -24.60 3.33
N ILE A 32 -6.75 -23.96 2.95
CA ILE A 32 -6.74 -23.06 1.80
C ILE A 32 -6.17 -21.71 2.22
N LEU A 33 -5.02 -21.37 1.64
CA LEU A 33 -4.35 -20.11 1.94
C LEU A 33 -4.82 -19.00 1.02
N SER A 34 -5.07 -19.33 -0.24
CA SER A 34 -5.49 -18.35 -1.21
C SER A 34 -6.33 -18.95 -2.35
N VAL A 35 -7.21 -18.14 -2.94
CA VAL A 35 -8.01 -18.55 -4.10
C VAL A 35 -7.81 -17.54 -5.21
N LYS A 36 -7.35 -18.03 -6.35
CA LYS A 36 -7.02 -17.17 -7.46
C LYS A 36 -7.95 -17.52 -8.62
N ASP A 37 -8.53 -16.51 -9.26
CA ASP A 37 -9.53 -16.74 -10.26
C ASP A 37 -9.22 -15.86 -11.46
N ILE A 38 -7.98 -15.82 -11.88
CA ILE A 38 -7.55 -14.88 -12.94
C ILE A 38 -7.47 -15.61 -14.27
N SER A 39 -7.11 -16.89 -14.19
CA SER A 39 -6.95 -17.71 -15.39
C SER A 39 -8.31 -18.00 -16.14
N GLY A 40 -9.44 -17.80 -15.45
CA GLY A 40 -10.75 -18.26 -15.93
C GLY A 40 -11.18 -19.51 -15.21
N ARG A 41 -10.21 -20.25 -14.69
CA ARG A 41 -10.46 -21.31 -13.73
C ARG A 41 -9.93 -20.91 -12.34
N LYS A 42 -10.39 -21.63 -11.34
CA LYS A 42 -9.90 -21.42 -9.99
C LYS A 42 -8.63 -22.20 -9.62
N LEU A 43 -7.73 -21.49 -8.95
CA LEU A 43 -6.50 -22.05 -8.45
C LEU A 43 -6.44 -21.83 -6.96
N PHE A 44 -5.97 -22.83 -6.24
CA PHE A 44 -5.97 -22.82 -4.78
C PHE A 44 -4.55 -23.04 -4.24
N TYR A 45 -4.07 -22.12 -3.38
CA TYR A 45 -2.79 -22.27 -2.72
C TYR A 45 -3.02 -22.94 -1.38
N VAL A 46 -2.40 -24.09 -1.17
CA VAL A 46 -2.69 -24.88 0.02
C VAL A 46 -1.46 -25.17 0.91
N HIS A 47 -1.70 -25.22 2.21
CA HIS A 47 -0.72 -25.72 3.17
C HIS A 47 -1.14 -27.10 3.64
N TYR A 48 -0.29 -28.09 3.44
CA TYR A 48 -0.56 -29.42 3.94
C TYR A 48 -0.22 -29.43 5.40
N ILE A 49 -1.22 -29.78 6.19
CA ILE A 49 -1.13 -29.67 7.62
C ILE A 49 -0.15 -30.67 8.18
N ASP A 50 0.74 -30.19 9.05
CA ASP A 50 1.86 -30.95 9.57
C ASP A 50 2.97 -31.24 8.58
N PHE A 51 2.93 -30.60 7.41
CA PHE A 51 4.03 -30.64 6.47
C PHE A 51 4.73 -29.32 6.51
N ASN A 52 5.99 -29.31 6.09
CA ASN A 52 6.76 -28.11 6.05
C ASN A 52 6.14 -27.13 5.03
N LYS A 53 6.24 -25.82 5.33
CA LYS A 53 5.78 -24.76 4.42
C LYS A 53 6.37 -24.90 3.01
N ARG A 54 7.60 -25.43 2.90
CA ARG A 54 8.24 -25.65 1.59
C ARG A 54 7.45 -26.59 0.63
N LEU A 55 6.47 -27.33 1.15
CA LEU A 55 5.68 -28.26 0.31
C LEU A 55 4.32 -27.72 -0.09
N ASP A 56 4.06 -26.46 0.22
CA ASP A 56 2.84 -25.78 -0.18
C ASP A 56 2.74 -25.71 -1.70
N GLU A 57 1.52 -25.83 -2.19
CA GLU A 57 1.30 -26.00 -3.61
C GLU A 57 0.11 -25.22 -4.07
N TRP A 58 0.15 -24.87 -5.35
CA TRP A 58 -1.03 -24.39 -6.08
C TRP A 58 -1.71 -25.54 -6.78
N VAL A 59 -3.00 -25.70 -6.57
CA VAL A 59 -3.75 -26.83 -7.17
C VAL A 59 -5.07 -26.44 -7.78
N THR A 60 -5.61 -27.33 -8.61
CA THR A 60 -6.90 -27.09 -9.26
C THR A 60 -8.00 -27.84 -8.53
N HIS A 61 -9.25 -27.61 -8.91
CA HIS A 61 -10.39 -28.20 -8.20
C HIS A 61 -10.37 -29.74 -8.14
N GLU A 62 -9.87 -30.40 -9.18
CA GLU A 62 -9.88 -31.88 -9.21
C GLU A 62 -9.03 -32.53 -8.14
N ARG A 63 -8.21 -31.75 -7.46
CA ARG A 63 -7.41 -32.25 -6.37
C ARG A 63 -8.00 -31.97 -4.98
N LEU A 64 -9.16 -31.33 -4.94
CA LEU A 64 -9.85 -31.08 -3.69
C LEU A 64 -10.87 -32.16 -3.44
N ASP A 65 -10.96 -32.63 -2.19
CA ASP A 65 -12.04 -33.53 -1.79
C ASP A 65 -13.13 -32.69 -1.18
N LEU A 66 -14.05 -32.27 -2.02
CA LEU A 66 -15.13 -31.38 -1.60
C LEU A 66 -16.17 -32.07 -0.75
N LYS A 67 -16.06 -33.39 -0.59
CA LYS A 67 -17.03 -34.12 0.21
C LYS A 67 -16.71 -34.05 1.70
N LYS A 68 -15.58 -33.49 2.07
CA LYS A 68 -15.18 -33.44 3.49
C LYS A 68 -14.54 -32.10 3.84
N ILE A 69 -15.32 -31.05 3.75
CA ILE A 69 -14.82 -29.70 3.99
C ILE A 69 -15.12 -29.22 5.39
N GLN A 70 -14.21 -28.43 5.93
CA GLN A 70 -14.46 -27.62 7.09
C GLN A 70 -14.36 -26.16 6.71
N PHE A 71 -15.35 -25.38 7.11
CA PHE A 71 -15.34 -23.95 6.87
C PHE A 71 -14.86 -23.20 8.09
N PRO A 72 -14.29 -21.99 7.89
CA PRO A 72 -13.80 -21.15 9.02
C PRO A 72 -14.89 -20.45 9.77
N GLU B 4 25.62 -8.01 -5.85
N GLU B 4 27.43 -5.73 -5.58
CA GLU B 4 26.47 -6.98 -5.17
CA GLU B 4 26.37 -6.65 -5.11
C GLU B 4 26.57 -7.19 -3.64
C GLU B 4 26.55 -7.10 -3.64
N VAL B 5 25.44 -7.36 -2.95
CA VAL B 5 25.46 -7.64 -1.49
C VAL B 5 26.34 -8.86 -1.12
N GLY B 6 26.27 -9.90 -1.96
CA GLY B 6 27.06 -11.13 -1.75
C GLY B 6 28.57 -10.95 -1.86
N GLU B 7 29.01 -9.85 -2.47
CA GLU B 7 30.42 -9.53 -2.57
C GLU B 7 30.98 -8.89 -1.26
N ILE B 8 30.11 -8.41 -0.39
CA ILE B 8 30.57 -7.77 0.83
C ILE B 8 31.22 -8.78 1.74
N ILE B 9 32.41 -8.45 2.22
CA ILE B 9 33.17 -9.30 3.12
C ILE B 9 33.81 -8.47 4.23
N GLU B 10 34.34 -9.17 5.25
CA GLU B 10 35.02 -8.52 6.36
C GLU B 10 36.16 -7.69 5.83
N GLY B 11 36.30 -6.49 6.36
CA GLY B 11 37.36 -5.60 5.91
C GLY B 11 36.94 -4.59 4.87
N CYS B 12 35.79 -4.81 4.23
CA CYS B 12 35.26 -3.85 3.28
C CYS B 12 34.98 -2.57 4.00
N ARG B 13 35.14 -1.46 3.30
CA ARG B 13 34.80 -0.15 3.85
C ARG B 13 33.85 0.54 2.93
N LEU B 14 32.80 1.10 3.50
CA LEU B 14 31.76 1.75 2.73
C LEU B 14 30.88 2.59 3.63
N PRO B 15 30.08 3.48 3.04
CA PRO B 15 29.15 4.28 3.83
C PRO B 15 27.97 3.47 4.33
N VAL B 16 27.64 3.62 5.60
CA VAL B 16 26.52 2.92 6.21
C VAL B 16 25.60 3.91 6.90
N LEU B 17 24.31 3.76 6.67
CA LEU B 17 23.29 4.61 7.27
C LEU B 17 23.21 4.46 8.78
N ARG B 18 23.54 5.53 9.49
CA ARG B 18 23.37 5.64 10.93
C ARG B 18 22.34 6.73 11.22
N ARG B 19 21.54 6.54 12.26
CA ARG B 19 20.64 7.57 12.72
C ARG B 19 21.23 8.28 13.94
N ASN B 20 21.19 9.61 13.97
CA ASN B 20 21.74 10.36 15.10
C ASN B 20 20.55 10.90 15.87
N GLU B 24 19.36 13.51 13.36
CA GLU B 24 19.57 13.87 11.93
C GLU B 24 20.52 12.88 11.23
N ASP B 25 20.04 12.21 10.17
CA ASP B 25 20.69 10.98 9.69
C ASP B 25 21.77 11.12 8.62
N GLU B 26 22.69 10.17 8.70
CA GLU B 26 24.02 10.28 8.12
C GLU B 26 24.50 8.99 7.46
N TRP B 27 25.46 9.10 6.54
CA TRP B 27 26.10 7.90 5.97
C TRP B 27 27.62 7.90 6.19
N PRO B 28 28.06 7.82 7.45
CA PRO B 28 29.48 7.79 7.69
C PRO B 28 30.14 6.51 7.18
N LEU B 29 31.42 6.60 6.87
CA LEU B 29 32.16 5.46 6.42
C LEU B 29 32.29 4.48 7.56
N ALA B 30 32.14 3.20 7.24
CA ALA B 30 32.23 2.16 8.22
C ALA B 30 32.98 0.98 7.66
N GLU B 31 33.55 0.18 8.54
CA GLU B 31 34.21 -1.06 8.15
C GLU B 31 33.34 -2.25 8.50
N ILE B 32 33.29 -3.25 7.63
CA ILE B 32 32.59 -4.48 7.91
C ILE B 32 33.45 -5.36 8.82
N LEU B 33 32.96 -5.58 10.03
CA LEU B 33 33.66 -6.44 10.99
C LEU B 33 33.24 -7.89 10.84
N SER B 34 31.97 -8.13 10.55
CA SER B 34 31.46 -9.50 10.45
C SER B 34 30.26 -9.59 9.53
N VAL B 35 30.08 -10.75 8.91
CA VAL B 35 28.90 -11.02 8.08
C VAL B 35 28.22 -12.28 8.61
N LYS B 36 26.96 -12.18 8.93
CA LYS B 36 26.22 -13.28 9.53
C LYS B 36 25.12 -13.65 8.56
N ASP B 37 24.96 -14.92 8.27
CA ASP B 37 24.03 -15.36 7.24
C ASP B 37 23.12 -16.36 7.84
N ILE B 38 21.95 -15.92 8.27
CA ILE B 38 21.02 -16.75 9.01
C ILE B 38 19.77 -17.05 8.17
N SER B 39 19.49 -18.35 7.89
CA SER B 39 18.37 -18.82 7.04
C SER B 39 18.36 -18.14 5.68
N GLY B 40 19.53 -17.63 5.25
CA GLY B 40 19.64 -16.94 3.96
C GLY B 40 19.76 -15.42 4.07
N ARG B 41 19.23 -14.83 5.14
CA ARG B 41 19.27 -13.33 5.29
C ARG B 41 20.60 -12.79 5.87
N LYS B 42 21.24 -11.80 5.22
CA LYS B 42 22.52 -11.26 5.68
C LYS B 42 22.48 -10.08 6.68
N LEU B 43 23.30 -10.21 7.71
CA LEU B 43 23.48 -9.20 8.72
C LEU B 43 24.93 -8.82 8.81
N PHE B 44 25.20 -7.53 8.99
CA PHE B 44 26.55 -6.97 8.93
C PHE B 44 26.86 -6.21 10.21
N TYR B 45 27.96 -6.57 10.87
CA TYR B 45 28.42 -5.86 12.06
C TYR B 45 29.45 -4.83 11.64
N VAL B 46 29.18 -3.56 11.94
CA VAL B 46 30.01 -2.49 11.45
C VAL B 46 30.62 -1.60 12.54
N HIS B 47 31.83 -1.14 12.26
CA HIS B 47 32.45 -0.08 13.03
C HIS B 47 32.41 1.22 12.24
N TYR B 48 31.78 2.26 12.81
CA TYR B 48 31.79 3.57 12.19
C TYR B 48 33.14 4.24 12.47
N ILE B 49 33.81 4.59 11.39
CA ILE B 49 35.17 5.04 11.46
C ILE B 49 35.25 6.38 12.12
N ASP B 50 36.18 6.50 13.07
CA ASP B 50 36.34 7.66 13.98
C ASP B 50 35.24 7.78 15.03
N PHE B 51 34.40 6.78 15.17
CA PHE B 51 33.43 6.77 16.25
C PHE B 51 33.89 5.78 17.26
N ASN B 52 33.41 5.93 18.48
CA ASN B 52 33.73 5.00 19.53
C ASN B 52 33.18 3.61 19.22
N LYS B 53 33.91 2.57 19.65
CA LYS B 53 33.47 1.16 19.48
C LYS B 53 32.05 0.93 20.04
N ARG B 54 31.68 1.68 21.08
CA ARG B 54 30.33 1.54 21.68
C ARG B 54 29.18 1.85 20.71
N LEU B 55 29.47 2.44 19.55
CA LEU B 55 28.43 2.78 18.58
C LEU B 55 28.36 1.82 17.41
N ASP B 56 29.13 0.73 17.50
CA ASP B 56 29.07 -0.34 16.52
C ASP B 56 27.68 -1.01 16.47
N GLU B 57 27.25 -1.40 15.27
CA GLU B 57 25.89 -1.82 15.05
C GLU B 57 25.81 -2.97 14.11
N TRP B 58 24.74 -3.76 14.28
CA TRP B 58 24.36 -4.77 13.30
C TRP B 58 23.32 -4.19 12.35
N VAL B 59 23.56 -4.32 11.04
CA VAL B 59 22.69 -3.71 10.04
C VAL B 59 22.38 -4.62 8.87
N THR B 60 21.34 -4.28 8.14
CA THR B 60 20.91 -5.06 6.99
C THR B 60 21.37 -4.41 5.72
N HIS B 61 21.21 -5.08 4.58
CA HIS B 61 21.74 -4.59 3.32
C HIS B 61 21.23 -3.19 2.93
N GLU B 62 19.97 -2.87 3.26
CA GLU B 62 19.41 -1.56 2.83
C GLU B 62 20.09 -0.34 3.45
N ARG B 63 20.96 -0.56 4.43
CA ARG B 63 21.72 0.53 5.05
C ARG B 63 23.15 0.63 4.53
N LEU B 64 23.51 -0.25 3.61
CA LEU B 64 24.81 -0.18 2.97
C LEU B 64 24.71 0.63 1.69
N ASP B 65 25.68 1.51 1.46
CA ASP B 65 25.82 2.17 0.18
C ASP B 65 26.79 1.35 -0.67
N LEU B 66 26.24 0.43 -1.41
CA LEU B 66 27.02 -0.48 -2.25
C LEU B 66 27.63 0.19 -3.46
N LYS B 67 27.27 1.44 -3.73
CA LYS B 67 27.81 2.15 -4.87
C LYS B 67 29.20 2.73 -4.59
N LYS B 68 29.67 2.68 -3.34
CA LYS B 68 30.99 3.27 -2.99
C LYS B 68 31.80 2.40 -2.05
N ILE B 69 32.18 1.22 -2.51
CA ILE B 69 32.83 0.22 -1.68
C ILE B 69 34.31 0.24 -1.88
N GLN B 70 35.03 -0.01 -0.81
CA GLN B 70 36.41 -0.33 -0.87
C GLN B 70 36.59 -1.77 -0.36
N PHE B 71 37.33 -2.59 -1.10
CA PHE B 71 37.62 -3.95 -0.72
C PHE B 71 39.00 -4.03 -0.08
N PRO B 72 39.21 -5.04 0.76
CA PRO B 72 40.53 -5.22 1.43
C PRO B 72 41.57 -5.81 0.49
N LYS B 73 42.87 -5.63 0.76
N ALA C 3 -3.39 17.10 17.23
CA ALA C 3 -3.70 17.81 15.95
C ALA C 3 -2.47 18.33 15.27
N GLU C 4 -2.63 18.67 14.01
CA GLU C 4 -1.52 18.98 13.13
C GLU C 4 -1.65 20.33 12.46
N VAL C 5 -0.52 20.89 12.06
CA VAL C 5 -0.47 22.26 11.48
C VAL C 5 -1.36 22.42 10.21
N GLY C 6 -1.35 21.41 9.34
CA GLY C 6 -2.15 21.42 8.12
C GLY C 6 -3.66 21.45 8.32
N GLU C 7 -4.11 21.10 9.52
CA GLU C 7 -5.53 21.15 9.85
C GLU C 7 -6.01 22.56 10.18
N ILE C 8 -5.07 23.46 10.49
CA ILE C 8 -5.47 24.81 10.93
C ILE C 8 -6.10 25.54 9.76
N ILE C 9 -7.27 26.13 10.01
CA ILE C 9 -7.98 26.90 9.02
C ILE C 9 -8.54 28.20 9.63
N GLU C 10 -9.02 29.09 8.77
CA GLU C 10 -9.59 30.37 9.20
C GLU C 10 -10.75 30.10 10.12
N GLY C 11 -10.85 30.85 11.20
CA GLY C 11 -11.90 30.67 12.17
C GLY C 11 -11.50 29.80 13.36
N CYS C 12 -10.40 29.05 13.23
CA CYS C 12 -9.89 28.27 14.35
C CYS C 12 -9.52 29.20 15.46
N ARG C 13 -9.68 28.73 16.69
CA ARG C 13 -9.28 29.48 17.84
C ARG C 13 -8.35 28.64 18.65
N LEU C 14 -7.26 29.25 19.09
CA LEU C 14 -6.26 28.56 19.89
C LEU C 14 -5.29 29.57 20.52
N PRO C 15 -4.47 29.10 21.49
CA PRO C 15 -3.52 29.98 22.13
C PRO C 15 -2.35 30.22 21.24
N VAL C 16 -1.96 31.48 21.14
CA VAL C 16 -0.82 31.86 20.32
C VAL C 16 0.16 32.70 21.14
N LEU C 17 1.43 32.37 21.01
CA LEU C 17 2.48 33.06 21.73
C LEU C 17 2.62 34.50 21.27
N ARG C 18 2.36 35.42 22.19
CA ARG C 18 2.66 36.84 22.04
C ARG C 18 3.73 37.30 23.08
N ARG C 19 4.57 38.29 22.75
CA ARG C 19 5.45 38.92 23.77
C ARG C 19 4.75 40.19 24.24
N ASN C 20 4.52 40.31 25.56
CA ASN C 20 3.70 41.43 26.13
C ASN C 20 4.41 42.76 26.32
N ASP C 22 5.22 43.66 29.54
CA ASP C 22 6.24 43.32 30.54
C ASP C 22 7.43 42.48 29.97
N ASN C 23 7.45 42.22 28.67
CA ASN C 23 8.50 41.42 28.00
C ASN C 23 8.41 39.92 28.33
N GLU C 24 7.23 39.48 28.74
CA GLU C 24 7.00 38.08 29.07
C GLU C 24 6.36 37.35 27.90
N ASP C 25 6.53 36.04 27.91
CA ASP C 25 5.77 35.17 27.02
C ASP C 25 4.37 35.00 27.63
N GLU C 26 3.34 35.27 26.82
CA GLU C 26 1.93 34.98 27.13
C GLU C 26 1.35 34.15 25.99
N TRP C 27 0.32 33.33 26.27
CA TRP C 27 -0.34 32.57 25.21
C TRP C 27 -1.84 32.87 25.17
N PRO C 28 -2.21 34.10 24.85
CA PRO C 28 -3.62 34.44 24.83
C PRO C 28 -4.30 33.74 23.68
N LEU C 29 -5.58 33.52 23.85
CA LEU C 29 -6.36 32.92 22.83
C LEU C 29 -6.45 33.87 21.64
N ALA C 30 -6.35 33.30 20.45
CA ALA C 30 -6.41 34.07 19.23
C ALA C 30 -7.22 33.34 18.19
N GLU C 31 -7.75 34.09 17.22
CA GLU C 31 -8.50 33.53 16.12
C GLU C 31 -7.67 33.60 14.86
N ILE C 32 -7.72 32.54 14.05
CA ILE C 32 -6.99 32.52 12.80
C ILE C 32 -7.82 33.30 11.77
N LEU C 33 -7.24 34.40 11.29
CA LEU C 33 -7.88 35.22 10.27
C LEU C 33 -7.51 34.78 8.86
N SER C 34 -6.28 34.36 8.67
CA SER C 34 -5.83 33.93 7.35
C SER C 34 -4.69 32.93 7.43
N VAL C 35 -4.58 32.08 6.39
CA VAL C 35 -3.49 31.14 6.28
C VAL C 35 -2.80 31.34 4.94
N LYS C 36 -1.50 31.60 4.97
CA LYS C 36 -0.76 31.89 3.77
C LYS C 36 0.27 30.78 3.59
N ASP C 37 0.37 30.25 2.36
CA ASP C 37 1.20 29.10 2.10
C ASP C 37 2.06 29.26 0.86
N ILE C 38 3.02 30.16 0.95
CA ILE C 38 3.85 30.52 -0.20
C ILE C 38 5.30 30.07 -0.05
N SER C 39 5.78 30.10 1.20
CA SER C 39 7.14 29.89 1.59
C SER C 39 7.20 28.48 2.24
N GLY C 40 8.39 28.06 2.68
CA GLY C 40 8.55 26.80 3.39
C GLY C 40 7.69 26.66 4.61
N ARG C 41 7.36 27.78 5.23
CA ARG C 41 6.60 27.74 6.43
C ARG C 41 5.21 28.43 6.20
N LYS C 42 4.13 27.72 6.52
CA LYS C 42 2.76 28.29 6.58
C LYS C 42 2.84 29.47 7.51
N LEU C 43 2.10 30.52 7.16
CA LEU C 43 2.04 31.74 7.93
C LEU C 43 0.59 31.99 8.29
N PHE C 44 0.36 32.43 9.52
CA PHE C 44 -0.95 32.58 10.08
C PHE C 44 -1.15 34.01 10.56
N TYR C 45 -2.22 34.66 10.08
CA TYR C 45 -2.58 35.99 10.55
C TYR C 45 -3.62 35.87 11.67
N VAL C 46 -3.31 36.39 12.84
CA VAL C 46 -4.13 36.16 14.00
C VAL C 46 -4.64 37.43 14.67
N HIS C 47 -5.84 37.34 15.22
CA HIS C 47 -6.39 38.35 16.09
C HIS C 47 -6.38 37.84 17.51
N TYR C 48 -5.70 38.56 18.39
CA TYR C 48 -5.71 38.21 19.79
C TYR C 48 -7.01 38.69 20.40
N ILE C 49 -7.74 37.75 20.98
CA ILE C 49 -9.10 37.98 21.42
C ILE C 49 -9.10 38.90 22.60
N ASP C 50 -9.97 39.92 22.50
CA ASP C 50 -10.04 41.01 23.47
C ASP C 50 -8.87 41.98 23.43
N PHE C 51 -8.02 41.90 22.41
CA PHE C 51 -6.98 42.89 22.17
C PHE C 51 -7.40 43.73 21.01
N ASN C 52 -6.83 44.93 20.92
CA ASN C 52 -7.09 45.80 19.81
C ASN C 52 -6.60 45.16 18.48
N LYS C 53 -7.32 45.43 17.39
CA LYS C 53 -6.93 44.97 16.02
C LYS C 53 -5.49 45.39 15.65
N ARG C 54 -5.02 46.53 16.15
CA ARG C 54 -3.65 46.98 15.88
C ARG C 54 -2.55 45.99 16.38
N LEU C 55 -2.92 45.01 17.22
CA LEU C 55 -1.94 44.05 17.74
C LEU C 55 -1.98 42.71 17.02
N ASP C 56 -2.76 42.62 15.95
CA ASP C 56 -2.81 41.46 15.10
C ASP C 56 -1.43 41.19 14.47
N GLU C 57 -1.11 39.92 14.32
CA GLU C 57 0.24 39.52 13.93
C GLU C 57 0.23 38.36 12.97
N TRP C 58 1.27 38.28 12.15
CA TRP C 58 1.55 37.11 11.32
C TRP C 58 2.54 36.24 12.06
N VAL C 59 2.24 34.97 12.19
CA VAL C 59 3.07 34.05 12.99
C VAL C 59 3.28 32.71 12.32
N THR C 60 4.31 32.00 12.77
CA THR C 60 4.65 30.69 12.24
CA THR C 60 4.65 30.66 12.22
C THR C 60 4.12 29.62 13.17
N HIS C 61 4.19 28.38 12.75
CA HIS C 61 3.61 27.27 13.51
C HIS C 61 4.12 27.15 14.95
N GLU C 62 5.41 27.45 15.19
CA GLU C 62 5.98 27.27 16.53
C GLU C 62 5.37 28.17 17.59
N ARG C 63 4.55 29.13 17.19
CA ARG C 63 3.86 29.97 18.15
C ARG C 63 2.42 29.56 18.39
N LEU C 64 1.98 28.50 17.72
CA LEU C 64 0.64 28.01 17.91
C LEU C 64 0.69 26.93 18.97
N ASP C 65 -0.26 26.95 19.90
CA ASP C 65 -0.46 25.81 20.77
C ASP C 65 -1.51 24.84 20.15
N LEU C 66 -1.01 23.86 19.39
CA LEU C 66 -1.86 22.94 18.65
C LEU C 66 -2.50 21.91 19.54
N LYS C 67 -2.13 21.89 20.82
CA LYS C 67 -2.73 20.96 21.75
C LYS C 67 -4.08 21.43 22.28
N LYS C 68 -4.48 22.66 21.99
CA LYS C 68 -5.75 23.20 22.48
C LYS C 68 -6.48 24.04 21.43
N ILE C 69 -6.90 23.38 20.37
CA ILE C 69 -7.58 24.03 19.26
C ILE C 69 -9.08 23.91 19.33
N GLN C 70 -9.75 24.95 18.89
CA GLN C 70 -11.16 24.92 18.61
C GLN C 70 -11.35 25.13 17.12
N PHE C 71 -12.14 24.28 16.48
CA PHE C 71 -12.46 24.45 15.08
C PHE C 71 -13.79 25.17 14.92
N PRO C 72 -13.98 25.88 13.80
CA PRO C 72 -15.26 26.57 13.53
C PRO C 72 -16.37 25.59 13.21
N LYS C 73 -17.63 25.96 13.47
CA LYS C 73 -18.77 25.00 13.39
C LYS C 73 -19.40 24.95 12.01
N GLU D 4 -13.14 -8.76 1.36
CA GLU D 4 -12.50 -8.50 0.01
C GLU D 4 -11.87 -7.05 -0.09
N VAL D 5 -10.82 -6.93 -0.90
CA VAL D 5 -10.04 -5.68 -1.01
C VAL D 5 -10.90 -4.47 -1.43
N GLY D 6 -11.82 -4.70 -2.36
CA GLY D 6 -12.71 -3.65 -2.86
C GLY D 6 -13.69 -3.10 -1.83
N GLU D 7 -13.90 -3.84 -0.75
CA GLU D 7 -14.74 -3.38 0.36
C GLU D 7 -14.04 -2.41 1.29
N ILE D 8 -12.71 -2.34 1.24
CA ILE D 8 -11.98 -1.47 2.13
C ILE D 8 -12.27 -0.02 1.79
N ILE D 9 -12.59 0.76 2.82
CA ILE D 9 -12.87 2.18 2.65
C ILE D 9 -12.23 2.99 3.77
N GLU D 10 -12.24 4.31 3.62
CA GLU D 10 -11.69 5.21 4.65
C GLU D 10 -12.40 4.97 5.94
N GLY D 11 -11.65 4.91 7.02
CA GLY D 11 -12.25 4.71 8.35
C GLY D 11 -12.22 3.28 8.81
N CYS D 12 -11.98 2.35 7.88
CA CYS D 12 -11.79 0.97 8.24
C CYS D 12 -10.61 0.85 9.16
N ARG D 13 -10.68 -0.12 10.07
CA ARG D 13 -9.57 -0.42 10.94
C ARG D 13 -9.25 -1.86 10.83
N LEU D 14 -7.96 -2.16 10.71
CA LEU D 14 -7.50 -3.51 10.55
C LEU D 14 -5.98 -3.58 10.75
N PRO D 15 -5.45 -4.80 10.94
CA PRO D 15 -4.02 -4.95 11.08
C PRO D 15 -3.29 -4.77 9.76
N VAL D 16 -2.21 -4.00 9.79
CA VAL D 16 -1.41 -3.77 8.60
C VAL D 16 0.05 -4.08 8.88
N LEU D 17 0.68 -4.79 7.95
CA LEU D 17 2.07 -5.17 8.05
C LEU D 17 3.01 -3.96 7.99
N ARG D 18 3.71 -3.72 9.10
CA ARG D 18 4.78 -2.75 9.21
C ARG D 18 6.11 -3.48 9.51
N ARG D 19 7.22 -2.98 9.01
CA ARG D 19 8.52 -3.52 9.42
C ARG D 19 9.09 -2.60 10.48
N ASN D 20 9.51 -3.16 11.59
CA ASN D 20 10.13 -2.37 12.65
C ASN D 20 11.61 -2.07 12.35
N GLN D 21 12.27 -1.44 13.30
CA GLN D 21 13.63 -0.96 13.09
C GLN D 21 14.63 -2.11 12.89
N ASP D 22 14.27 -3.31 13.35
CA ASP D 22 15.02 -4.57 13.09
C ASP D 22 14.63 -5.32 11.80
N ASN D 23 13.71 -4.76 11.01
CA ASN D 23 13.18 -5.40 9.78
C ASN D 23 12.29 -6.63 10.05
N GLU D 24 11.75 -6.68 11.27
CA GLU D 24 10.86 -7.75 11.67
C GLU D 24 9.46 -7.35 11.35
N ASP D 25 8.64 -8.35 11.07
CA ASP D 25 7.26 -8.11 10.72
C ASP D 25 6.36 -7.95 11.99
N GLU D 26 5.60 -6.85 12.04
CA GLU D 26 4.55 -6.61 13.03
C GLU D 26 3.26 -6.31 12.28
N TRP D 27 2.10 -6.60 12.88
CA TRP D 27 0.83 -6.25 12.28
C TRP D 27 -0.02 -5.38 13.21
N PRO D 28 0.45 -4.18 13.50
CA PRO D 28 -0.32 -3.32 14.37
C PRO D 28 -1.60 -2.89 13.73
N LEU D 29 -2.58 -2.56 14.54
CA LEU D 29 -3.84 -2.06 14.03
C LEU D 29 -3.65 -0.70 13.42
N ALA D 30 -4.28 -0.47 12.30
CA ALA D 30 -4.17 0.79 11.59
C ALA D 30 -5.48 1.22 11.06
N GLU D 31 -5.64 2.51 10.82
CA GLU D 31 -6.85 3.06 10.22
C GLU D 31 -6.57 3.43 8.78
N ILE D 32 -7.54 3.16 7.90
CA ILE D 32 -7.44 3.57 6.51
C ILE D 32 -7.81 5.04 6.38
N LEU D 33 -6.83 5.85 6.01
CA LEU D 33 -7.05 7.28 5.82
C LEU D 33 -7.50 7.59 4.41
N SER D 34 -6.95 6.88 3.42
CA SER D 34 -7.27 7.15 2.01
C SER D 34 -7.09 5.92 1.13
N VAL D 35 -7.87 5.85 0.06
CA VAL D 35 -7.76 4.77 -0.93
C VAL D 35 -7.56 5.36 -2.30
N LYS D 36 -6.47 4.99 -2.95
CA LYS D 36 -6.09 5.58 -4.21
C LYS D 36 -6.09 4.47 -5.27
N ASP D 37 -6.72 4.72 -6.41
CA ASP D 37 -6.92 3.68 -7.41
C ASP D 37 -6.52 4.26 -8.76
N ILE D 38 -5.40 4.96 -8.82
CA ILE D 38 -4.99 5.69 -10.06
C ILE D 38 -3.97 4.88 -10.83
N SER D 39 -3.13 4.15 -10.09
CA SER D 39 -2.06 3.35 -10.70
C SER D 39 -2.60 2.13 -11.54
N GLY D 40 -3.87 1.75 -11.32
CA GLY D 40 -4.41 0.49 -11.85
C GLY D 40 -4.51 -0.55 -10.76
N ARG D 41 -3.69 -0.40 -9.71
CA ARG D 41 -3.85 -1.16 -8.45
C ARG D 41 -4.27 -0.21 -7.31
N LYS D 42 -4.77 -0.80 -6.23
CA LYS D 42 -5.15 -0.03 -5.07
C LYS D 42 -4.01 0.24 -4.10
N LEU D 43 -3.96 1.49 -3.64
CA LEU D 43 -3.02 1.94 -2.66
C LEU D 43 -3.76 2.51 -1.48
N PHE D 44 -3.28 2.21 -0.28
CA PHE D 44 -3.95 2.57 0.98
C PHE D 44 -3.02 3.38 1.88
N TYR D 45 -3.47 4.57 2.29
CA TYR D 45 -2.71 5.42 3.21
C TYR D 45 -3.20 5.14 4.62
N VAL D 46 -2.29 4.71 5.48
CA VAL D 46 -2.69 4.22 6.79
C VAL D 46 -2.02 4.96 7.96
N HIS D 47 -2.77 5.11 9.06
CA HIS D 47 -2.23 5.56 10.31
C HIS D 47 -2.14 4.38 11.26
N TYR D 48 -0.94 4.09 11.74
CA TYR D 48 -0.77 3.06 12.74
C TYR D 48 -1.17 3.63 14.08
N ILE D 49 -2.14 2.96 14.68
CA ILE D 49 -2.80 3.46 15.86
C ILE D 49 -1.85 3.46 17.02
N ASP D 50 -1.80 4.59 17.71
CA ASP D 50 -0.84 4.86 18.80
C ASP D 50 0.60 5.07 18.36
N PHE D 51 0.83 5.19 17.06
CA PHE D 51 2.16 5.56 16.55
C PHE D 51 2.08 6.99 16.13
N ASN D 52 3.23 7.63 16.06
CA ASN D 52 3.29 8.98 15.59
C ASN D 52 2.82 9.09 14.13
N LYS D 53 2.17 10.20 13.81
CA LYS D 53 1.73 10.48 12.41
C LYS D 53 2.89 10.38 11.40
N ARG D 54 4.11 10.68 11.83
CA ARG D 54 5.29 10.57 10.95
C ARG D 54 5.56 9.14 10.41
N LEU D 55 4.91 8.13 10.98
CA LEU D 55 5.11 6.75 10.52
C LEU D 55 4.01 6.25 9.61
N ASP D 56 3.09 7.15 9.22
CA ASP D 56 2.01 6.82 8.30
C ASP D 56 2.58 6.45 6.94
N GLU D 57 1.94 5.49 6.28
CA GLU D 57 2.51 4.87 5.10
C GLU D 57 1.48 4.63 4.08
N TRP D 58 1.91 4.59 2.84
CA TRP D 58 1.12 4.06 1.74
C TRP D 58 1.45 2.57 1.50
N VAL D 59 0.43 1.71 1.44
CA VAL D 59 0.66 0.26 1.31
C VAL D 59 -0.26 -0.39 0.30
N THR D 60 0.10 -1.59 -0.13
CA THR D 60 -0.67 -2.34 -1.09
C THR D 60 -1.48 -3.40 -0.39
N HIS D 61 -2.38 -4.08 -1.11
CA HIS D 61 -3.30 -5.02 -0.48
C HIS D 61 -2.62 -6.15 0.32
N GLU D 62 -1.47 -6.63 -0.15
CA GLU D 62 -0.83 -7.77 0.49
C GLU D 62 -0.39 -7.49 1.91
N ARG D 63 -0.45 -6.24 2.34
CA ARG D 63 -0.06 -5.87 3.70
C ARG D 63 -1.26 -5.66 4.59
N LEU D 64 -2.45 -5.85 4.07
CA LEU D 64 -3.66 -5.75 4.86
C LEU D 64 -4.05 -7.12 5.35
N ASP D 65 -4.45 -7.22 6.61
CA ASP D 65 -5.07 -8.45 7.15
C ASP D 65 -6.58 -8.34 7.03
N LEU D 66 -7.10 -8.81 5.91
CA LEU D 66 -8.51 -8.67 5.58
C LEU D 66 -9.38 -9.61 6.39
N LYS D 67 -8.78 -10.51 7.15
CA LYS D 67 -9.53 -11.42 7.98
C LYS D 67 -10.00 -10.80 9.31
N LYS D 68 -9.55 -9.60 9.64
CA LYS D 68 -9.94 -8.95 10.92
C LYS D 68 -10.22 -7.45 10.76
N ILE D 69 -11.25 -7.14 9.98
CA ILE D 69 -11.58 -5.76 9.64
C ILE D 69 -12.66 -5.25 10.56
N GLN D 70 -12.56 -3.96 10.87
CA GLN D 70 -13.66 -3.21 11.43
C GLN D 70 -14.09 -2.14 10.43
N PHE D 71 -15.38 -2.05 10.15
CA PHE D 71 -15.90 -1.01 9.28
C PHE D 71 -16.43 0.16 10.10
N PRO D 72 -16.45 1.36 9.51
CA PRO D 72 -16.97 2.56 10.21
C PRO D 72 -18.47 2.61 10.33
N MET E 2 14.84 -11.02 -0.38
CA MET E 2 16.18 -11.14 -1.03
C MET E 2 16.74 -12.54 -0.77
N ALA E 3 16.75 -12.92 0.50
CA ALA E 3 16.96 -14.32 0.90
C ALA E 3 15.98 -15.16 0.10
N GLU E 4 14.76 -14.73 0.10
CA GLU E 4 13.75 -15.47 -0.64
C GLU E 4 13.97 -15.44 -2.21
N VAL E 5 14.39 -14.33 -2.84
CA VAL E 5 14.60 -14.28 -4.32
C VAL E 5 15.58 -15.34 -4.84
N GLY E 6 16.66 -15.53 -4.09
CA GLY E 6 17.70 -16.49 -4.44
C GLY E 6 17.27 -17.93 -4.41
N GLU E 7 16.15 -18.20 -3.76
CA GLU E 7 15.55 -19.53 -3.75
C GLU E 7 14.73 -19.87 -5.04
N ILE E 8 14.36 -18.85 -5.82
CA ILE E 8 13.55 -19.09 -7.02
C ILE E 8 14.34 -19.83 -8.06
N ILE E 9 13.75 -20.89 -8.59
CA ILE E 9 14.39 -21.73 -9.60
C ILE E 9 13.39 -22.11 -10.69
N GLU E 10 13.89 -22.66 -11.79
CA GLU E 10 13.04 -23.12 -12.87
C GLU E 10 12.06 -24.13 -12.34
N GLY E 11 10.81 -24.03 -12.76
CA GLY E 11 9.78 -24.95 -12.30
C GLY E 11 8.98 -24.45 -11.12
N CYS E 12 9.46 -23.42 -10.43
CA CYS E 12 8.68 -22.77 -9.40
C CYS E 12 7.42 -22.20 -9.98
N ARG E 13 6.36 -22.19 -9.18
CA ARG E 13 5.12 -21.56 -9.58
C ARG E 13 4.71 -20.57 -8.54
N LEU E 14 4.30 -19.40 -8.99
CA LEU E 14 3.91 -18.33 -8.11
C LEU E 14 3.19 -17.24 -8.88
N PRO E 15 2.48 -16.37 -8.17
CA PRO E 15 1.84 -15.24 -8.83
C PRO E 15 2.85 -14.18 -9.32
N VAL E 16 2.66 -13.72 -10.55
CA VAL E 16 3.53 -12.70 -11.12
C VAL E 16 2.70 -11.56 -11.69
N LEU E 17 3.13 -10.34 -11.39
CA LEU E 17 2.42 -9.13 -11.82
C LEU E 17 2.47 -8.95 -13.32
N ARG E 18 1.29 -9.02 -13.95
CA ARG E 18 1.11 -8.70 -15.36
C ARG E 18 0.21 -7.46 -15.49
N ARG E 19 0.44 -6.63 -16.48
CA ARG E 19 -0.42 -5.50 -16.75
C ARG E 19 -1.37 -5.93 -17.94
N ASN E 20 -2.68 -5.85 -17.75
CA ASN E 20 -3.62 -6.29 -18.78
C ASN E 20 -3.80 -5.24 -19.85
N GLN E 21 -4.69 -5.53 -20.78
CA GLN E 21 -4.90 -4.74 -21.97
C GLN E 21 -5.46 -3.31 -21.62
N ASP E 22 -6.08 -3.18 -20.44
CA ASP E 22 -6.51 -1.86 -19.87
C ASP E 22 -5.47 -1.18 -18.91
N ASN E 23 -4.27 -1.73 -18.81
CA ASN E 23 -3.20 -1.19 -17.93
C ASN E 23 -3.47 -1.40 -16.42
N GLU E 24 -4.32 -2.37 -16.10
CA GLU E 24 -4.62 -2.73 -14.71
C GLU E 24 -3.73 -3.88 -14.25
N ASP E 25 -3.46 -3.89 -12.95
CA ASP E 25 -2.59 -4.90 -12.36
C ASP E 25 -3.35 -6.20 -12.06
N GLU E 26 -2.82 -7.33 -12.55
CA GLU E 26 -3.29 -8.68 -12.19
C GLU E 26 -2.08 -9.49 -11.69
N TRP E 27 -2.30 -10.49 -10.85
CA TRP E 27 -1.22 -11.39 -10.42
C TRP E 27 -1.54 -12.87 -10.74
N PRO E 28 -1.64 -13.21 -12.02
CA PRO E 28 -1.93 -14.59 -12.36
C PRO E 28 -0.78 -15.49 -12.01
N LEU E 29 -1.09 -16.76 -11.78
CA LEU E 29 -0.07 -17.73 -11.48
C LEU E 29 0.78 -17.96 -12.70
N ALA E 30 2.08 -18.09 -12.48
CA ALA E 30 3.00 -18.28 -13.56
C ALA E 30 4.05 -19.25 -13.17
N GLU E 31 4.67 -19.86 -14.16
CA GLU E 31 5.76 -20.78 -13.93
C GLU E 31 7.07 -20.13 -14.33
N ILE E 32 8.12 -20.37 -13.55
CA ILE E 32 9.43 -19.90 -13.88
C ILE E 32 10.05 -20.85 -14.93
N LEU E 33 10.29 -20.30 -16.12
CA LEU E 33 10.92 -21.05 -17.19
C LEU E 33 12.44 -20.91 -17.16
N SER E 34 12.94 -19.72 -16.83
CA SER E 34 14.38 -19.48 -16.80
C SER E 34 14.77 -18.40 -15.82
N VAL E 35 15.98 -18.49 -15.29
CA VAL E 35 16.56 -17.49 -14.40
C VAL E 35 17.91 -17.03 -14.97
N LYS E 36 18.02 -15.73 -15.22
CA LYS E 36 19.20 -15.17 -15.88
C LYS E 36 19.86 -14.19 -14.93
N ASP E 37 21.16 -14.32 -14.76
CA ASP E 37 21.86 -13.58 -13.73
C ASP E 37 23.09 -12.98 -14.36
N ILE E 38 22.94 -12.38 -15.53
CA ILE E 38 24.10 -11.89 -16.30
C ILE E 38 24.25 -10.40 -16.09
N SER E 39 23.12 -9.76 -15.93
CA SER E 39 23.10 -8.33 -15.74
C SER E 39 23.73 -7.82 -14.40
N GLY E 40 23.85 -8.72 -13.43
CA GLY E 40 24.15 -8.35 -12.05
C GLY E 40 22.93 -8.44 -11.17
N ARG E 41 21.74 -8.29 -11.78
CA ARG E 41 20.49 -8.58 -11.11
C ARG E 41 19.87 -9.81 -11.76
N LYS E 42 18.91 -10.38 -11.07
CA LYS E 42 18.16 -11.50 -11.58
C LYS E 42 16.96 -11.14 -12.47
N LEU E 43 16.85 -11.88 -13.57
CA LEU E 43 15.76 -11.77 -14.50
C LEU E 43 15.12 -13.11 -14.66
N PHE E 44 13.79 -13.11 -14.73
CA PHE E 44 13.01 -14.33 -14.73
C PHE E 44 12.09 -14.37 -15.97
N TYR E 45 12.17 -15.48 -16.72
CA TYR E 45 11.30 -15.71 -17.86
C TYR E 45 10.12 -16.55 -17.42
N VAL E 46 8.92 -16.04 -17.59
CA VAL E 46 7.73 -16.68 -17.03
C VAL E 46 6.65 -17.02 -18.03
N HIS E 47 5.98 -18.13 -17.80
CA HIS E 47 4.78 -18.48 -18.54
C HIS E 47 3.59 -18.26 -17.63
N TYR E 48 2.66 -17.42 -18.07
CA TYR E 48 1.43 -17.24 -17.34
C TYR E 48 0.49 -18.39 -17.66
N ILE E 49 0.09 -19.07 -16.61
CA ILE E 49 -0.60 -20.32 -16.72
C ILE E 49 -1.97 -20.08 -17.27
N ASP E 50 -2.33 -20.88 -18.27
CA ASP E 50 -3.57 -20.74 -19.02
C ASP E 50 -3.60 -19.53 -19.96
N PHE E 51 -2.45 -18.87 -20.15
CA PHE E 51 -2.31 -17.85 -21.19
C PHE E 51 -1.50 -18.41 -22.33
N ASN E 52 -1.67 -17.82 -23.49
CA ASN E 52 -0.92 -18.24 -24.64
C ASN E 52 0.58 -18.00 -24.40
N LYS E 53 1.40 -18.87 -24.98
CA LYS E 53 2.87 -18.72 -24.92
C LYS E 53 3.34 -17.34 -25.41
N ARG E 54 2.61 -16.75 -26.35
CA ARG E 54 2.96 -15.41 -26.88
C ARG E 54 2.96 -14.31 -25.82
N LEU E 55 2.40 -14.57 -24.63
CA LEU E 55 2.37 -13.56 -23.57
C LEU E 55 3.42 -13.76 -22.48
N ASP E 56 4.32 -14.72 -22.69
CA ASP E 56 5.43 -14.95 -21.79
C ASP E 56 6.32 -13.70 -21.70
N GLU E 57 6.89 -13.46 -20.52
CA GLU E 57 7.61 -12.22 -20.26
C GLU E 57 8.83 -12.45 -19.43
N TRP E 58 9.80 -11.55 -19.60
CA TRP E 58 10.94 -11.45 -18.72
C TRP E 58 10.64 -10.40 -17.65
N VAL E 59 10.81 -10.74 -16.38
CA VAL E 59 10.47 -9.85 -15.27
C VAL E 59 11.54 -9.80 -14.19
N THR E 60 11.48 -8.78 -13.36
CA THR E 60 12.40 -8.62 -12.24
C THR E 60 11.74 -9.09 -10.94
N HIS E 61 12.50 -9.14 -9.85
CA HIS E 61 11.98 -9.67 -8.58
C HIS E 61 10.73 -8.95 -8.05
N GLU E 62 10.66 -7.64 -8.23
CA GLU E 62 9.53 -6.88 -7.65
C GLU E 62 8.15 -7.29 -8.20
N ARG E 63 8.14 -8.10 -9.26
CA ARG E 63 6.89 -8.56 -9.84
C ARG E 63 6.55 -9.95 -9.42
N LEU E 64 7.39 -10.56 -8.60
CA LEU E 64 7.11 -11.88 -8.07
C LEU E 64 6.43 -11.74 -6.71
N ASP E 65 5.41 -12.56 -6.46
CA ASP E 65 4.82 -12.66 -5.14
C ASP E 65 5.48 -13.81 -4.43
N LEU E 66 6.53 -13.48 -3.70
CA LEU E 66 7.34 -14.49 -3.01
C LEU E 66 6.68 -15.06 -1.78
N LYS E 67 5.54 -14.50 -1.39
CA LYS E 67 4.81 -15.00 -0.26
C LYS E 67 3.95 -16.23 -0.58
N LYS E 68 3.83 -16.60 -1.84
CA LYS E 68 2.99 -17.74 -2.23
C LYS E 68 3.65 -18.59 -3.33
N ILE E 69 4.77 -19.22 -3.00
CA ILE E 69 5.55 -19.99 -3.95
C ILE E 69 5.27 -21.44 -3.84
N GLN E 70 5.30 -22.11 -4.98
CA GLN E 70 5.34 -23.55 -5.03
C GLN E 70 6.68 -23.95 -5.65
N PHE E 71 7.40 -24.87 -5.02
CA PHE E 71 8.63 -25.38 -5.56
C PHE E 71 8.41 -26.71 -6.27
N PRO E 72 9.28 -27.04 -7.26
CA PRO E 72 9.15 -28.31 -8.00
C PRO E 72 9.62 -29.47 -7.14
N LYS E 73 9.10 -30.67 -7.36
CA LYS E 73 9.28 -31.76 -6.30
C LYS E 73 10.71 -32.37 -6.18
N GLU F 4 -17.34 3.42 -4.32
N GLU F 4 -16.67 2.55 -1.74
CA GLU F 4 -17.53 2.69 -3.03
CA GLU F 4 -17.57 2.87 -2.89
C GLU F 4 -19.03 2.42 -2.70
C GLU F 4 -19.05 2.46 -2.66
N VAL F 5 -19.30 1.31 -2.01
CA VAL F 5 -20.70 0.84 -1.74
C VAL F 5 -21.57 1.87 -0.98
N GLY F 6 -20.96 2.53 -0.02
CA GLY F 6 -21.64 3.57 0.75
C GLY F 6 -22.08 4.81 -0.03
N GLU F 7 -21.49 5.01 -1.20
CA GLU F 7 -21.86 6.12 -2.09
C GLU F 7 -23.14 5.83 -2.87
N ILE F 8 -23.55 4.57 -2.95
CA ILE F 8 -24.72 4.21 -3.73
C ILE F 8 -25.97 4.77 -3.08
N ILE F 9 -26.79 5.43 -3.89
CA ILE F 9 -28.03 6.03 -3.42
C ILE F 9 -29.14 5.79 -4.42
N GLU F 10 -30.37 6.09 -4.01
CA GLU F 10 -31.54 5.97 -4.89
C GLU F 10 -31.35 6.81 -6.12
N GLY F 11 -31.68 6.26 -7.27
CA GLY F 11 -31.52 7.00 -8.53
C GLY F 11 -30.22 6.70 -9.25
N CYS F 12 -29.27 6.08 -8.55
CA CYS F 12 -28.04 5.63 -9.22
C CYS F 12 -28.37 4.61 -10.26
N ARG F 13 -27.59 4.60 -11.33
CA ARG F 13 -27.76 3.61 -12.37
C ARG F 13 -26.45 2.94 -12.57
N LEU F 14 -26.49 1.64 -12.67
CA LEU F 14 -25.29 0.84 -12.85
C LEU F 14 -25.66 -0.59 -13.23
N PRO F 15 -24.65 -1.36 -13.69
CA PRO F 15 -24.92 -2.74 -14.07
C PRO F 15 -25.09 -3.62 -12.85
N VAL F 16 -26.12 -4.45 -12.86
CA VAL F 16 -26.37 -5.37 -11.77
C VAL F 16 -26.50 -6.78 -12.30
N LEU F 17 -25.83 -7.71 -11.64
CA LEU F 17 -25.88 -9.10 -12.00
C LEU F 17 -27.28 -9.61 -11.80
N ARG F 18 -27.96 -9.89 -12.87
CA ARG F 18 -29.33 -10.34 -12.64
C ARG F 18 -29.21 -11.77 -12.19
N ARG F 19 -30.15 -12.22 -11.38
CA ARG F 19 -30.14 -13.56 -10.82
C ARG F 19 -31.11 -14.44 -11.59
N ASN F 20 -32.41 -14.24 -11.40
CA ASN F 20 -33.34 -15.21 -11.97
C ASN F 20 -33.29 -14.89 -13.51
N GLN F 21 -32.39 -15.52 -14.33
CA GLN F 21 -32.17 -15.16 -15.77
C GLN F 21 -31.78 -16.26 -16.71
N ASP F 22 -32.31 -17.47 -16.51
CA ASP F 22 -31.73 -18.69 -17.13
C ASP F 22 -30.34 -18.81 -16.41
N ASN F 23 -29.23 -18.70 -17.11
CA ASN F 23 -27.93 -18.70 -16.38
C ASN F 23 -26.71 -18.07 -17.11
N GLU F 24 -26.88 -16.91 -17.76
CA GLU F 24 -25.77 -16.16 -18.28
C GLU F 24 -25.32 -15.13 -17.26
N ASP F 25 -24.08 -14.71 -17.37
CA ASP F 25 -23.50 -13.69 -16.54
C ASP F 25 -23.82 -12.31 -17.14
N GLU F 26 -25.06 -11.92 -16.97
CA GLU F 26 -25.58 -10.77 -17.61
C GLU F 26 -25.70 -9.72 -16.54
N TRP F 27 -25.28 -8.58 -16.96
CA TRP F 27 -25.19 -7.44 -16.10
C TRP F 27 -25.94 -6.27 -16.70
N PRO F 28 -27.28 -6.38 -16.80
CA PRO F 28 -28.02 -5.30 -17.43
C PRO F 28 -28.01 -4.09 -16.55
N LEU F 29 -28.20 -2.93 -17.15
CA LEU F 29 -28.22 -1.70 -16.42
C LEU F 29 -29.47 -1.65 -15.60
N ALA F 30 -29.33 -1.16 -14.39
CA ALA F 30 -30.45 -1.11 -13.44
C ALA F 30 -30.40 0.15 -12.66
N GLU F 31 -31.55 0.56 -12.15
CA GLU F 31 -31.66 1.76 -11.32
C GLU F 31 -31.87 1.35 -9.88
N ILE F 32 -31.21 2.05 -8.96
CA ILE F 32 -31.39 1.83 -7.55
C ILE F 32 -32.68 2.51 -7.06
N LEU F 33 -33.65 1.70 -6.63
CA LEU F 33 -34.92 2.21 -6.16
C LEU F 33 -34.87 2.47 -4.69
N SER F 34 -34.16 1.61 -3.96
CA SER F 34 -34.09 1.75 -2.50
C SER F 34 -32.82 1.17 -1.93
N VAL F 35 -32.38 1.73 -0.81
CA VAL F 35 -31.23 1.19 -0.06
C VAL F 35 -31.64 0.93 1.39
N LYS F 36 -31.46 -0.30 1.82
CA LYS F 36 -31.90 -0.72 3.12
C LYS F 36 -30.67 -1.14 3.91
N ASP F 37 -30.58 -0.68 5.14
CA ASP F 37 -29.37 -0.88 5.93
C ASP F 37 -29.65 -1.42 7.31
N ILE F 38 -30.13 -2.66 7.37
CA ILE F 38 -30.66 -3.23 8.58
C ILE F 38 -29.75 -4.41 8.93
N SER F 39 -29.32 -4.51 10.19
CA SER F 39 -28.51 -5.64 10.66
C SER F 39 -27.10 -5.63 10.10
N GLY F 40 -26.63 -4.54 9.45
CA GLY F 40 -25.22 -4.47 9.04
C GLY F 40 -24.94 -4.60 7.55
N ARG F 41 -25.82 -5.32 6.83
CA ARG F 41 -25.63 -5.51 5.38
C ARG F 41 -26.41 -4.43 4.71
N LYS F 42 -25.85 -3.84 3.66
CA LYS F 42 -26.68 -3.09 2.72
C LYS F 42 -27.39 -3.96 1.67
N LEU F 43 -28.67 -3.65 1.47
CA LEU F 43 -29.51 -4.30 0.51
C LEU F 43 -30.07 -3.26 -0.44
N PHE F 44 -30.11 -3.61 -1.71
CA PHE F 44 -30.49 -2.69 -2.76
C PHE F 44 -31.66 -3.25 -3.57
N TYR F 45 -32.73 -2.47 -3.69
CA TYR F 45 -33.86 -2.83 -4.53
C TYR F 45 -33.70 -2.20 -5.91
N VAL F 46 -33.66 -3.03 -6.94
CA VAL F 46 -33.31 -2.54 -8.27
C VAL F 46 -34.36 -2.83 -9.35
N HIS F 47 -34.48 -1.88 -10.28
CA HIS F 47 -35.29 -2.06 -11.48
C HIS F 47 -34.34 -2.25 -12.64
N TYR F 48 -34.45 -3.40 -13.32
CA TYR F 48 -33.66 -3.65 -14.50
C TYR F 48 -34.30 -2.91 -15.66
N ILE F 49 -33.50 -2.05 -16.27
CA ILE F 49 -34.00 -1.11 -17.24
C ILE F 49 -34.41 -1.83 -18.49
N ASP F 50 -35.61 -1.50 -18.97
CA ASP F 50 -36.26 -2.19 -20.09
C ASP F 50 -36.79 -3.59 -19.78
N PHE F 51 -36.82 -3.96 -18.50
CA PHE F 51 -37.46 -5.20 -18.06
C PHE F 51 -38.72 -4.85 -17.30
N ASN F 52 -39.63 -5.80 -17.24
CA ASN F 52 -40.87 -5.61 -16.54
C ASN F 52 -40.60 -5.40 -15.06
N LYS F 53 -41.44 -4.58 -14.41
CA LYS F 53 -41.37 -4.34 -12.92
C LYS F 53 -41.40 -5.66 -12.13
N ARG F 54 -42.08 -6.70 -12.65
CA ARG F 54 -42.12 -8.03 -11.99
C ARG F 54 -40.75 -8.69 -11.79
N LEU F 55 -39.72 -8.19 -12.46
CA LEU F 55 -38.38 -8.79 -12.35
C LEU F 55 -37.45 -8.00 -11.42
N ASP F 56 -38.00 -6.98 -10.76
CA ASP F 56 -37.25 -6.18 -9.77
C ASP F 56 -36.81 -7.06 -8.60
N GLU F 57 -35.63 -6.77 -8.08
CA GLU F 57 -34.99 -7.66 -7.14
C GLU F 57 -34.29 -6.90 -6.06
N TRP F 58 -34.17 -7.55 -4.90
CA TRP F 58 -33.31 -7.08 -3.83
C TRP F 58 -31.97 -7.78 -3.93
N VAL F 59 -30.87 -7.01 -3.92
CA VAL F 59 -29.54 -7.58 -4.11
C VAL F 59 -28.52 -7.02 -3.15
N THR F 60 -27.42 -7.72 -3.02
CA THR F 60 -26.33 -7.33 -2.14
C THR F 60 -25.23 -6.71 -2.96
N HIS F 61 -24.22 -6.16 -2.29
CA HIS F 61 -23.18 -5.38 -2.99
C HIS F 61 -22.44 -6.18 -4.05
N GLU F 62 -22.24 -7.47 -3.84
CA GLU F 62 -21.44 -8.26 -4.79
C GLU F 62 -22.07 -8.41 -6.17
N ARG F 63 -23.29 -7.99 -6.31
CA ARG F 63 -23.94 -8.02 -7.60
C ARG F 63 -23.99 -6.65 -8.29
N LEU F 64 -23.43 -5.65 -7.65
CA LEU F 64 -23.32 -4.35 -8.24
C LEU F 64 -21.96 -4.24 -8.97
N ASP F 65 -21.97 -3.66 -10.17
CA ASP F 65 -20.73 -3.26 -10.81
C ASP F 65 -20.45 -1.80 -10.45
N LEU F 66 -19.69 -1.63 -9.40
CA LEU F 66 -19.35 -0.31 -8.90
C LEU F 66 -18.34 0.44 -9.75
N LYS F 67 -17.78 -0.22 -10.74
CA LYS F 67 -16.82 0.42 -11.61
C LYS F 67 -17.47 1.25 -12.70
N LYS F 68 -18.81 1.16 -12.85
CA LYS F 68 -19.50 1.91 -13.92
C LYS F 68 -20.81 2.52 -13.45
N ILE F 69 -20.72 3.44 -12.52
CA ILE F 69 -21.91 4.06 -11.89
C ILE F 69 -22.26 5.37 -12.52
N GLN F 70 -23.55 5.63 -12.59
CA GLN F 70 -24.05 6.94 -12.89
C GLN F 70 -24.81 7.44 -11.67
N PHE F 71 -24.51 8.66 -11.22
CA PHE F 71 -25.22 9.29 -10.11
C PHE F 71 -26.33 10.20 -10.63
N PRO F 72 -27.37 10.39 -9.82
CA PRO F 72 -28.50 11.25 -10.24
C PRO F 72 -28.09 12.72 -10.17
N LYS F 73 -28.73 13.57 -10.99
N GLY G 1 -3.76 17.58 8.05
CA GLY G 1 -2.54 17.80 7.28
C GLY G 1 -1.35 17.21 7.97
N MET G 2 -0.43 16.57 7.20
CA MET G 2 0.73 15.85 7.73
C MET G 2 2.02 16.60 7.65
N ALA G 3 2.23 17.49 6.69
CA ALA G 3 3.53 18.20 6.67
C ALA G 3 3.67 19.56 6.01
N GLU G 4 4.71 20.27 6.43
CA GLU G 4 5.03 21.61 5.93
C GLU G 4 6.03 21.42 4.80
N VAL G 5 6.07 22.38 3.89
CA VAL G 5 6.85 22.26 2.66
C VAL G 5 8.34 22.05 2.91
N GLY G 6 8.87 22.74 3.90
CA GLY G 6 10.27 22.61 4.31
C GLY G 6 10.68 21.26 4.90
N GLU G 7 9.71 20.45 5.30
CA GLU G 7 9.97 19.07 5.74
C GLU G 7 10.15 18.05 4.57
N ILE G 8 9.72 18.42 3.36
CA ILE G 8 9.77 17.48 2.25
C ILE G 8 11.23 17.21 1.89
N ILE G 9 11.56 15.93 1.75
CA ILE G 9 12.89 15.50 1.39
C ILE G 9 12.83 14.37 0.37
N GLU G 10 13.99 14.06 -0.21
CA GLU G 10 14.09 12.97 -1.17
C GLU G 10 13.62 11.69 -0.53
N GLY G 11 12.84 10.92 -1.27
CA GLY G 11 12.33 9.66 -0.79
C GLY G 11 10.92 9.75 -0.24
N CYS G 12 10.46 10.95 0.04
CA CYS G 12 9.09 11.16 0.47
C CYS G 12 8.14 10.68 -0.61
N ARG G 13 6.99 10.16 -0.20
CA ARG G 13 5.98 9.74 -1.14
C ARG G 13 4.67 10.39 -0.78
N LEU G 14 3.99 10.89 -1.80
CA LEU G 14 2.77 11.61 -1.62
C LEU G 14 2.08 11.84 -2.94
N PRO G 15 0.81 12.22 -2.89
CA PRO G 15 0.09 12.56 -4.14
C PRO G 15 0.54 13.89 -4.77
N VAL G 16 0.80 13.89 -6.06
CA VAL G 16 1.19 15.07 -6.77
C VAL G 16 0.30 15.29 -7.98
N LEU G 17 -0.14 16.54 -8.16
CA LEU G 17 -1.02 16.91 -9.24
C LEU G 17 -0.34 16.78 -10.58
N ARG G 18 -0.86 15.89 -11.42
CA ARG G 18 -0.48 15.74 -12.82
C ARG G 18 -1.68 16.07 -13.72
N ARG G 19 -1.43 16.65 -14.88
CA ARG G 19 -2.50 16.82 -15.86
C ARG G 19 -2.34 15.74 -16.89
N ASN G 20 -3.42 15.02 -17.14
CA ASN G 20 -3.38 13.97 -18.12
C ASN G 20 -3.46 14.55 -19.54
N GLN G 21 -3.50 13.66 -20.51
CA GLN G 21 -3.39 14.07 -21.90
C GLN G 21 -4.63 14.91 -22.33
N ASP G 22 -5.72 14.84 -21.57
CA ASP G 22 -6.91 15.75 -21.73
C ASP G 22 -6.90 17.05 -20.89
N ASN G 23 -5.82 17.28 -20.14
CA ASN G 23 -5.68 18.40 -19.17
C ASN G 23 -6.57 18.33 -17.95
N GLU G 24 -6.96 17.11 -17.62
CA GLU G 24 -7.77 16.84 -16.45
C GLU G 24 -6.83 16.57 -15.29
N ASP G 25 -7.28 16.95 -14.10
CA ASP G 25 -6.43 16.84 -12.92
C ASP G 25 -6.52 15.42 -12.34
N GLU G 26 -5.37 14.81 -12.10
CA GLU G 26 -5.21 13.57 -11.34
C GLU G 26 -4.18 13.80 -10.23
N TRP G 27 -4.26 13.05 -9.13
CA TRP G 27 -3.26 13.15 -8.06
C TRP G 27 -2.62 11.81 -7.75
N PRO G 28 -1.91 11.25 -8.71
CA PRO G 28 -1.26 9.99 -8.46
C PRO G 28 -0.17 10.10 -7.44
N LEU G 29 0.11 9.01 -6.76
CA LEU G 29 1.19 8.96 -5.81
C LEU G 29 2.51 9.09 -6.53
N ALA G 30 3.41 9.88 -5.94
CA ALA G 30 4.73 10.12 -6.55
C ALA G 30 5.78 10.11 -5.50
N GLU G 31 7.01 9.84 -5.91
CA GLU G 31 8.16 9.89 -5.02
C GLU G 31 9.00 11.13 -5.30
N ILE G 32 9.48 11.79 -4.25
CA ILE G 32 10.37 12.94 -4.42
C ILE G 32 11.77 12.45 -4.73
N LEU G 33 12.25 12.77 -5.93
CA LEU G 33 13.59 12.40 -6.36
C LEU G 33 14.60 13.46 -5.97
N SER G 34 14.21 14.73 -6.04
CA SER G 34 15.14 15.82 -5.73
C SER G 34 14.41 17.08 -5.27
N VAL G 35 15.10 17.89 -4.45
CA VAL G 35 14.57 19.18 -4.00
C VAL G 35 15.59 20.30 -4.33
N LYS G 36 15.15 21.29 -5.09
CA LYS G 36 16.00 22.32 -5.60
C LYS G 36 15.54 23.63 -5.00
N ASP G 37 16.46 24.42 -4.48
CA ASP G 37 16.10 25.60 -3.72
C ASP G 37 16.89 26.81 -4.18
N ILE G 38 16.63 27.25 -5.39
CA ILE G 38 17.42 28.28 -6.04
C ILE G 38 16.46 29.43 -6.22
N SER G 39 16.87 30.65 -5.89
CA SER G 39 16.05 31.83 -6.13
C SER G 39 14.84 31.93 -5.26
N GLY G 40 14.77 31.16 -4.17
CA GLY G 40 13.71 31.36 -3.18
C GLY G 40 12.57 30.37 -3.25
N ARG G 41 12.29 29.84 -4.44
CA ARG G 41 11.18 28.91 -4.64
C ARG G 41 11.77 27.53 -4.48
N LYS G 42 11.07 26.65 -3.77
CA LYS G 42 11.40 25.23 -3.84
C LYS G 42 10.78 24.56 -5.08
N LEU G 43 11.60 23.74 -5.72
CA LEU G 43 11.19 22.93 -6.85
C LEU G 43 11.45 21.48 -6.54
N PHE G 44 10.52 20.61 -6.95
CA PHE G 44 10.56 19.21 -6.61
C PHE G 44 10.53 18.37 -7.88
N TYR G 45 11.51 17.46 -8.03
CA TYR G 45 11.53 16.51 -9.14
C TYR G 45 10.88 15.23 -8.70
N VAL G 46 9.84 14.82 -9.40
CA VAL G 46 9.03 13.67 -8.95
C VAL G 46 8.90 12.52 -9.98
N HIS G 47 8.85 11.31 -9.46
CA HIS G 47 8.52 10.16 -10.26
C HIS G 47 7.11 9.73 -9.90
N TYR G 48 6.22 9.70 -10.89
CA TYR G 48 4.88 9.19 -10.68
C TYR G 48 4.93 7.67 -10.67
N ILE G 49 4.48 7.11 -9.57
CA ILE G 49 4.64 5.71 -9.30
C ILE G 49 3.78 4.93 -10.25
N ASP G 50 4.40 3.89 -10.86
CA ASP G 50 3.80 3.05 -11.89
C ASP G 50 3.64 3.75 -13.24
N PHE G 51 4.24 4.93 -13.40
CA PHE G 51 4.32 5.61 -14.71
C PHE G 51 5.73 5.50 -15.23
N ASN G 52 5.88 5.63 -16.53
CA ASN G 52 7.21 5.58 -17.13
C ASN G 52 8.06 6.76 -16.65
N LYS G 53 9.38 6.53 -16.53
CA LYS G 53 10.37 7.60 -16.13
C LYS G 53 10.26 8.84 -17.03
N ARG G 54 9.88 8.65 -18.30
CA ARG G 54 9.73 9.78 -19.23
C ARG G 54 8.65 10.80 -18.81
N LEU G 55 7.81 10.46 -17.84
CA LEU G 55 6.77 11.39 -17.37
C LEU G 55 7.10 12.11 -16.09
N ASP G 56 8.34 11.93 -15.61
CA ASP G 56 8.82 12.63 -14.42
C ASP G 56 8.84 14.14 -14.67
N GLU G 57 8.54 14.90 -13.62
CA GLU G 57 8.31 16.32 -13.74
C GLU G 57 8.92 17.08 -12.60
N TRP G 58 9.26 18.33 -12.88
CA TRP G 58 9.60 19.31 -11.85
C TRP G 58 8.32 20.09 -11.49
N VAL G 59 7.99 20.15 -10.19
CA VAL G 59 6.77 20.84 -9.73
C VAL G 59 7.02 21.74 -8.54
N THR G 60 6.08 22.64 -8.30
CA THR G 60 6.13 23.57 -7.19
C THR G 60 5.24 23.06 -6.05
N HIS G 61 5.31 23.71 -4.90
CA HIS G 61 4.62 23.21 -3.71
C HIS G 61 3.10 23.07 -3.89
N GLU G 62 2.47 23.95 -4.66
CA GLU G 62 1.01 23.90 -4.80
C GLU G 62 0.48 22.63 -5.48
N ARG G 63 1.36 21.81 -6.03
CA ARG G 63 0.97 20.57 -6.62
C ARG G 63 1.24 19.35 -5.73
N LEU G 64 1.76 19.58 -4.56
CA LEU G 64 1.94 18.53 -3.58
C LEU G 64 0.75 18.48 -2.66
N ASP G 65 0.29 17.28 -2.36
CA ASP G 65 -0.70 17.07 -1.33
C ASP G 65 0.02 16.75 -0.02
N LEU G 66 0.32 17.80 0.74
CA LEU G 66 1.05 17.69 1.97
C LEU G 66 0.25 17.10 3.09
N LYS G 67 -1.06 16.88 2.87
CA LYS G 67 -1.91 16.27 3.91
C LYS G 67 -1.79 14.74 3.95
N LYS G 68 -1.10 14.13 2.98
CA LYS G 68 -0.97 12.66 2.94
C LYS G 68 0.45 12.23 2.53
N ILE G 69 1.42 12.58 3.36
CA ILE G 69 2.82 12.33 3.05
C ILE G 69 3.36 11.12 3.79
N GLN G 70 4.23 10.39 3.12
CA GLN G 70 4.99 9.30 3.72
C GLN G 70 6.47 9.69 3.70
N PHE G 71 7.14 9.56 4.84
CA PHE G 71 8.55 9.85 4.93
C PHE G 71 9.35 8.56 4.80
N PRO G 72 10.59 8.67 4.31
CA PRO G 72 11.41 7.50 4.14
C PRO G 72 11.84 6.98 5.47
N LYS G 73 11.96 5.65 5.57
#